data_1UGW
#
_entry.id   1UGW
#
_cell.length_a   80.444
_cell.length_b   99.548
_cell.length_c   105.849
_cell.angle_alpha   90.00
_cell.angle_beta   90.00
_cell.angle_gamma   90.00
#
_symmetry.space_group_name_H-M   'P 21 21 21'
#
loop_
_entity.id
_entity.type
_entity.pdbx_description
1 polymer 'Agglutinin alpha chain'
2 polymer 'Agglutinin beta-3 chain'
3 polymer 'Agglutinin alpha-chain'
4 non-polymer beta-D-galactopyranose
5 water water
#
loop_
_entity_poly.entity_id
_entity_poly.type
_entity_poly.pdbx_seq_one_letter_code
_entity_poly.pdbx_strand_id
1 'polypeptide(L)'
;GKAFDDGAFTGIREINLSYNKETAIGDFQVVYDLNGSPYVGQNHVSFITGFTPVKISLDFPSEYIMEVSGYTGNVSGYVV
VRSLTFKTNKKTYGPYGVTSGTPFNLPIENGLIVGFKGSIGYWLDYFSMYLSL
;
A,G
2 'polypeptide(L)' DEQSGISQTVIVGPWGAKSS B,D,F,H
3 'polypeptide(L)'
;GKAFDDGAFTGIREINLSYNKETAIGDFQVVYDLNGSPYVGQNHKSFITGFTPVKISLDFPSEYIMEVSGYTGNVSGYVV
VRSLTFKTNKKTYGPYGVTSGTPFNLPIENGLIVGFKGSIGYWLDYFSMYLSL
;
C,E
#
loop_
_chem_comp.id
_chem_comp.type
_chem_comp.name
_chem_comp.formula
GAL D-saccharide, beta linking beta-D-galactopyranose 'C6 H12 O6'
#
# COMPACT_ATOMS: atom_id res chain seq x y z
N GLY A 1 -1.70 24.97 20.11
CA GLY A 1 -2.99 24.27 20.32
C GLY A 1 -2.80 22.84 20.79
N LYS A 2 -3.90 22.12 20.96
CA LYS A 2 -3.85 20.73 21.41
C LYS A 2 -3.79 19.81 20.19
N ALA A 3 -2.70 19.07 20.07
CA ALA A 3 -2.55 18.16 18.93
C ALA A 3 -3.46 16.95 19.04
N PHE A 4 -3.92 16.45 17.90
CA PHE A 4 -4.75 15.26 17.85
C PHE A 4 -4.31 14.40 16.68
N ASP A 5 -4.66 13.13 16.73
CA ASP A 5 -4.30 12.20 15.65
C ASP A 5 -5.31 11.06 15.70
N ASP A 6 -6.27 11.08 14.78
CA ASP A 6 -7.31 10.05 14.73
C ASP A 6 -6.77 8.71 14.22
N GLY A 7 -5.76 8.77 13.36
CA GLY A 7 -5.22 7.54 12.81
C GLY A 7 -5.88 7.21 11.49
N ALA A 8 -5.67 5.99 11.00
CA ALA A 8 -6.24 5.58 9.72
C ALA A 8 -7.41 4.62 9.89
N PHE A 9 -8.40 4.76 9.01
CA PHE A 9 -9.59 3.92 9.03
C PHE A 9 -9.87 3.37 7.63
N THR A 10 -11.09 2.88 7.39
CA THR A 10 -11.44 2.32 6.08
C THR A 10 -12.09 3.31 5.13
N GLY A 11 -12.53 4.45 5.67
CA GLY A 11 -13.16 5.45 4.82
C GLY A 11 -13.80 6.54 5.66
N ILE A 12 -14.51 7.46 5.03
CA ILE A 12 -15.15 8.57 5.73
C ILE A 12 -16.68 8.56 5.51
N ARG A 13 -17.44 8.65 6.59
CA ARG A 13 -18.89 8.67 6.49
C ARG A 13 -19.47 10.06 6.72
N GLU A 14 -18.93 10.77 7.69
CA GLU A 14 -19.43 12.10 8.01
C GLU A 14 -18.37 13.01 8.64
N ILE A 15 -18.45 14.29 8.32
CA ILE A 15 -17.52 15.27 8.87
C ILE A 15 -18.33 16.37 9.56
N ASN A 16 -18.04 16.60 10.83
CA ASN A 16 -18.72 17.64 11.60
C ASN A 16 -17.70 18.68 12.01
N LEU A 17 -17.83 19.88 11.47
CA LEU A 17 -16.89 20.95 11.81
C LEU A 17 -17.65 22.22 12.13
N SER A 18 -16.97 23.17 12.76
CA SER A 18 -17.59 24.45 13.08
C SER A 18 -16.61 25.51 12.60
N TYR A 19 -17.16 26.66 12.21
CA TYR A 19 -16.31 27.73 11.71
C TYR A 19 -16.94 29.08 12.00
N ASN A 20 -16.15 30.14 11.83
CA ASN A 20 -16.64 31.50 12.02
C ASN A 20 -16.22 32.17 10.73
N LYS A 21 -17.17 32.69 9.98
CA LYS A 21 -16.86 33.31 8.70
C LYS A 21 -15.94 34.53 8.76
N GLU A 22 -15.69 35.05 9.96
CA GLU A 22 -14.81 36.20 10.08
C GLU A 22 -13.46 35.87 10.72
N THR A 23 -13.28 34.61 11.12
CA THR A 23 -12.00 34.21 11.69
C THR A 23 -11.43 32.95 11.05
N ALA A 24 -11.84 31.77 11.53
CA ALA A 24 -11.31 30.53 10.97
C ALA A 24 -12.10 29.29 11.40
N ILE A 25 -11.57 28.12 11.07
CA ILE A 25 -12.19 26.84 11.42
C ILE A 25 -12.01 26.60 12.92
N GLY A 26 -13.04 26.06 13.56
CA GLY A 26 -12.95 25.79 14.98
C GLY A 26 -12.93 24.30 15.30
N ASP A 27 -14.08 23.73 15.63
CA ASP A 27 -14.19 22.32 15.98
C ASP A 27 -14.05 21.42 14.77
N PHE A 28 -13.60 20.19 15.00
CA PHE A 28 -13.43 19.22 13.92
C PHE A 28 -13.63 17.80 14.47
N GLN A 29 -14.55 17.06 13.86
CA GLN A 29 -14.84 15.69 14.29
C GLN A 29 -15.22 14.87 13.07
N VAL A 30 -14.77 13.62 13.03
CA VAL A 30 -15.07 12.78 11.89
C VAL A 30 -15.68 11.44 12.28
N VAL A 31 -16.70 11.03 11.53
CA VAL A 31 -17.31 9.73 11.76
C VAL A 31 -16.69 8.90 10.64
N TYR A 32 -15.81 7.99 11.01
CA TYR A 32 -15.14 7.14 10.02
C TYR A 32 -15.88 5.84 9.77
N ASP A 33 -15.45 5.13 8.74
CA ASP A 33 -16.00 3.82 8.47
C ASP A 33 -14.89 2.92 8.97
N LEU A 34 -15.24 1.90 9.73
CA LEU A 34 -14.26 0.96 10.23
C LEU A 34 -14.72 -0.43 9.82
N ASN A 35 -14.27 -0.87 8.65
CA ASN A 35 -14.61 -2.19 8.14
C ASN A 35 -16.12 -2.41 8.00
N GLY A 36 -16.83 -1.40 7.49
CA GLY A 36 -18.26 -1.53 7.29
C GLY A 36 -19.16 -1.01 8.39
N SER A 37 -18.58 -0.61 9.51
CA SER A 37 -19.35 -0.07 10.62
C SER A 37 -18.89 1.35 10.94
N PRO A 38 -19.83 2.23 11.29
CA PRO A 38 -19.50 3.61 11.62
C PRO A 38 -18.65 3.66 12.89
N TYR A 39 -17.62 4.50 12.88
CA TYR A 39 -16.78 4.66 14.05
C TYR A 39 -16.71 6.15 14.34
N VAL A 40 -17.29 6.54 15.47
CA VAL A 40 -17.33 7.95 15.85
C VAL A 40 -16.00 8.42 16.41
N GLY A 41 -15.34 9.32 15.69
CA GLY A 41 -14.07 9.84 16.14
C GLY A 41 -14.22 10.83 17.29
N GLN A 42 -13.11 11.06 17.99
CA GLN A 42 -13.11 11.99 19.11
C GLN A 42 -13.45 13.40 18.57
N ASN A 43 -14.19 14.19 19.35
CA ASN A 43 -14.52 15.55 18.92
C ASN A 43 -13.37 16.46 19.36
N HIS A 44 -12.70 17.08 18.41
CA HIS A 44 -11.58 17.97 18.72
C HIS A 44 -12.16 19.37 18.73
N VAL A 45 -12.31 19.93 19.92
CA VAL A 45 -12.92 21.23 20.08
C VAL A 45 -11.99 22.41 20.30
N SER A 46 -12.44 23.57 19.83
CA SER A 46 -11.71 24.82 20.00
C SER A 46 -11.73 25.20 21.47
N PHE A 47 -10.78 26.02 21.91
CA PHE A 47 -10.74 26.46 23.29
C PHE A 47 -11.85 27.48 23.57
N ILE A 48 -12.38 28.07 22.51
CA ILE A 48 -13.45 29.06 22.64
C ILE A 48 -14.74 28.63 21.94
N THR A 49 -15.75 29.47 22.02
CA THR A 49 -17.06 29.20 21.42
C THR A 49 -17.44 30.27 20.40
N GLY A 50 -18.68 30.20 19.92
CA GLY A 50 -19.16 31.18 18.96
C GLY A 50 -19.04 30.76 17.51
N PHE A 51 -18.85 29.46 17.28
CA PHE A 51 -18.72 28.94 15.91
C PHE A 51 -20.05 28.44 15.35
N THR A 52 -20.11 28.36 14.02
CA THR A 52 -21.29 27.87 13.32
C THR A 52 -21.05 26.41 12.96
N PRO A 53 -21.89 25.49 13.46
CA PRO A 53 -21.74 24.07 13.16
C PRO A 53 -22.16 23.70 11.75
N VAL A 54 -21.51 22.68 11.20
CA VAL A 54 -21.82 22.19 9.86
C VAL A 54 -21.67 20.68 9.89
N LYS A 55 -22.65 19.99 9.31
CA LYS A 55 -22.60 18.53 9.25
C LYS A 55 -22.54 18.12 7.79
N ILE A 56 -21.48 17.41 7.43
CA ILE A 56 -21.30 16.95 6.07
C ILE A 56 -21.52 15.44 6.07
N SER A 57 -22.72 15.03 5.66
CA SER A 57 -23.06 13.62 5.61
C SER A 57 -22.86 13.08 4.20
N LEU A 58 -21.90 12.18 4.05
CA LEU A 58 -21.61 11.60 2.76
C LEU A 58 -22.42 10.33 2.50
N ASP A 59 -22.73 10.09 1.24
CA ASP A 59 -23.49 8.91 0.86
C ASP A 59 -22.48 7.77 0.69
N PHE A 60 -21.89 7.36 1.80
CA PHE A 60 -20.90 6.29 1.82
C PHE A 60 -21.54 4.97 1.40
N PRO A 61 -20.84 4.15 0.61
CA PRO A 61 -19.49 4.36 0.09
C PRO A 61 -19.46 4.89 -1.35
N SER A 62 -20.63 5.15 -1.92
CA SER A 62 -20.69 5.65 -3.29
C SER A 62 -20.11 7.06 -3.43
N GLU A 63 -20.18 7.84 -2.36
CA GLU A 63 -19.66 9.21 -2.39
C GLU A 63 -18.39 9.30 -1.53
N TYR A 64 -17.35 9.93 -2.08
CA TYR A 64 -16.10 10.08 -1.36
C TYR A 64 -15.39 11.35 -1.80
N ILE A 65 -14.53 11.86 -0.93
CA ILE A 65 -13.80 13.09 -1.20
C ILE A 65 -12.74 12.92 -2.30
N MET A 66 -12.78 13.81 -3.29
CA MET A 66 -11.83 13.78 -4.40
C MET A 66 -10.86 14.95 -4.33
N GLU A 67 -11.21 15.97 -3.55
CA GLU A 67 -10.33 17.12 -3.41
C GLU A 67 -10.62 17.92 -2.15
N VAL A 68 -9.57 18.33 -1.48
CA VAL A 68 -9.69 19.15 -0.28
C VAL A 68 -8.90 20.42 -0.57
N SER A 69 -9.52 21.58 -0.34
CA SER A 69 -8.83 22.83 -0.58
C SER A 69 -9.17 23.80 0.54
N GLY A 70 -8.44 24.91 0.59
CA GLY A 70 -8.69 25.89 1.62
C GLY A 70 -7.69 27.00 1.60
N TYR A 71 -7.68 27.77 2.69
CA TYR A 71 -6.78 28.90 2.83
C TYR A 71 -6.18 28.90 4.22
N THR A 72 -4.94 29.37 4.33
CA THR A 72 -4.28 29.50 5.62
C THR A 72 -3.88 30.96 5.72
N GLY A 73 -3.73 31.45 6.95
CA GLY A 73 -3.35 32.83 7.13
C GLY A 73 -3.43 33.18 8.60
N ASN A 74 -3.10 34.43 8.91
CA ASN A 74 -3.11 34.89 10.29
C ASN A 74 -4.48 35.25 10.83
N VAL A 75 -4.67 34.96 12.11
CA VAL A 75 -5.85 35.35 12.87
C VAL A 75 -5.08 35.82 14.09
N SER A 76 -5.10 37.12 14.32
CA SER A 76 -4.29 37.71 15.39
C SER A 76 -2.86 37.34 14.96
N GLY A 77 -2.01 36.89 15.88
CA GLY A 77 -0.66 36.56 15.48
C GLY A 77 -0.42 35.15 14.97
N TYR A 78 -1.43 34.29 15.16
CA TYR A 78 -1.34 32.88 14.78
C TYR A 78 -1.66 32.50 13.34
N VAL A 79 -0.87 31.60 12.77
CA VAL A 79 -1.15 31.12 11.42
C VAL A 79 -2.09 29.94 11.62
N VAL A 80 -3.26 29.97 10.98
CA VAL A 80 -4.23 28.89 11.13
C VAL A 80 -4.91 28.57 9.81
N VAL A 81 -5.76 27.56 9.82
CA VAL A 81 -6.53 27.18 8.65
C VAL A 81 -7.80 28.01 8.71
N ARG A 82 -7.89 29.00 7.82
CA ARG A 82 -9.01 29.92 7.78
C ARG A 82 -10.27 29.39 7.09
N SER A 83 -10.07 28.54 6.10
CA SER A 83 -11.19 28.03 5.33
C SER A 83 -10.92 26.63 4.78
N LEU A 84 -11.99 25.87 4.57
CA LEU A 84 -11.91 24.53 4.02
C LEU A 84 -13.06 24.30 3.06
N THR A 85 -12.80 23.51 2.03
CA THR A 85 -13.80 23.14 1.04
C THR A 85 -13.57 21.67 0.73
N PHE A 86 -14.66 20.89 0.71
CA PHE A 86 -14.56 19.47 0.40
C PHE A 86 -15.33 19.18 -0.86
N LYS A 87 -14.64 18.62 -1.86
CA LYS A 87 -15.29 18.29 -3.12
C LYS A 87 -15.34 16.78 -3.27
N THR A 88 -16.54 16.24 -3.46
CA THR A 88 -16.69 14.80 -3.64
C THR A 88 -17.07 14.53 -5.09
N ASN A 89 -17.29 13.25 -5.41
CA ASN A 89 -17.68 12.88 -6.76
C ASN A 89 -19.14 13.24 -7.01
N LYS A 90 -19.80 13.80 -6.00
CA LYS A 90 -21.20 14.18 -6.11
C LYS A 90 -21.51 15.66 -5.89
N LYS A 91 -20.93 16.25 -4.85
CA LYS A 91 -21.18 17.66 -4.55
C LYS A 91 -19.94 18.35 -3.98
N THR A 92 -20.05 19.67 -3.82
CA THR A 92 -18.98 20.47 -3.25
C THR A 92 -19.52 21.03 -1.94
N TYR A 93 -18.79 20.78 -0.85
CA TYR A 93 -19.21 21.27 0.46
C TYR A 93 -18.30 22.41 0.88
N GLY A 94 -18.89 23.59 1.01
CA GLY A 94 -18.11 24.76 1.39
C GLY A 94 -18.12 25.78 0.28
N PRO A 95 -17.22 26.77 0.32
CA PRO A 95 -16.22 26.95 1.37
C PRO A 95 -16.79 27.38 2.72
N TYR A 96 -16.08 27.00 3.78
CA TYR A 96 -16.48 27.35 5.14
C TYR A 96 -15.34 28.18 5.76
N GLY A 97 -15.63 29.43 6.11
CA GLY A 97 -14.60 30.27 6.70
C GLY A 97 -14.12 31.40 5.81
N VAL A 98 -13.01 32.04 6.20
CA VAL A 98 -12.44 33.14 5.43
C VAL A 98 -11.71 32.62 4.19
N THR A 99 -12.24 32.93 3.02
CA THR A 99 -11.64 32.49 1.75
C THR A 99 -10.61 33.48 1.24
N SER A 100 -9.66 33.81 2.10
CA SER A 100 -8.59 34.74 1.77
C SER A 100 -7.31 34.25 2.43
N GLY A 101 -6.17 34.69 1.91
CA GLY A 101 -4.90 34.27 2.47
C GLY A 101 -4.13 33.43 1.48
N THR A 102 -3.38 32.44 1.97
CA THR A 102 -2.60 31.57 1.11
C THR A 102 -3.38 30.30 0.81
N PRO A 103 -3.72 30.07 -0.46
CA PRO A 103 -4.48 28.86 -0.79
C PRO A 103 -3.65 27.59 -0.84
N PHE A 104 -4.33 26.46 -0.73
CA PHE A 104 -3.69 25.15 -0.82
C PHE A 104 -4.80 24.24 -1.33
N ASN A 105 -4.42 23.19 -2.04
CA ASN A 105 -5.41 22.26 -2.54
C ASN A 105 -4.78 20.90 -2.79
N LEU A 106 -5.54 19.86 -2.49
CA LEU A 106 -5.07 18.51 -2.68
C LEU A 106 -6.06 17.68 -3.48
N PRO A 107 -5.85 17.59 -4.80
CA PRO A 107 -6.74 16.83 -5.69
C PRO A 107 -6.21 15.40 -5.61
N ILE A 108 -7.10 14.42 -5.64
CA ILE A 108 -6.69 13.02 -5.59
C ILE A 108 -7.15 12.32 -6.87
N GLU A 109 -6.20 11.84 -7.68
CA GLU A 109 -6.54 11.14 -8.91
C GLU A 109 -6.88 9.69 -8.61
N ASN A 110 -6.11 9.08 -7.71
CA ASN A 110 -6.34 7.69 -7.33
C ASN A 110 -5.99 7.54 -5.85
N GLY A 111 -6.94 7.05 -5.07
CA GLY A 111 -6.70 6.89 -3.65
C GLY A 111 -7.83 7.48 -2.83
N LEU A 112 -7.71 7.36 -1.52
CA LEU A 112 -8.74 7.84 -0.60
C LEU A 112 -8.15 8.45 0.66
N ILE A 113 -8.86 9.41 1.23
CA ILE A 113 -8.45 10.02 2.48
C ILE A 113 -9.05 9.06 3.52
N VAL A 114 -8.24 8.58 4.44
CA VAL A 114 -8.75 7.64 5.45
C VAL A 114 -8.47 8.03 6.89
N GLY A 115 -8.02 9.27 7.09
CA GLY A 115 -7.73 9.72 8.44
C GLY A 115 -7.26 11.15 8.50
N PHE A 116 -7.35 11.76 9.68
CA PHE A 116 -6.94 13.13 9.89
C PHE A 116 -6.13 13.26 11.18
N LYS A 117 -5.25 14.26 11.21
CA LYS A 117 -4.46 14.56 12.38
C LYS A 117 -4.20 16.06 12.28
N GLY A 118 -3.90 16.69 13.40
CA GLY A 118 -3.67 18.13 13.37
C GLY A 118 -3.55 18.72 14.75
N SER A 119 -3.96 19.98 14.87
CA SER A 119 -3.90 20.68 16.15
C SER A 119 -4.95 21.79 16.18
N ILE A 120 -5.58 21.97 17.33
CA ILE A 120 -6.59 23.00 17.48
C ILE A 120 -6.42 23.72 18.81
N GLY A 121 -6.36 25.04 18.74
CA GLY A 121 -6.26 25.88 19.92
C GLY A 121 -7.54 26.69 19.86
N TYR A 122 -7.43 27.98 19.59
CA TYR A 122 -8.63 28.79 19.43
C TYR A 122 -9.20 28.35 18.09
N TRP A 123 -8.30 28.07 17.15
CA TRP A 123 -8.68 27.63 15.81
C TRP A 123 -7.82 26.46 15.35
N LEU A 124 -8.20 25.88 14.21
CA LEU A 124 -7.46 24.76 13.65
C LEU A 124 -6.10 25.30 13.20
N ASP A 125 -5.05 24.93 13.92
CA ASP A 125 -3.69 25.38 13.62
C ASP A 125 -3.12 24.81 12.33
N TYR A 126 -3.27 23.51 12.16
CA TYR A 126 -2.77 22.82 10.98
C TYR A 126 -3.38 21.44 10.95
N PHE A 127 -3.28 20.76 9.82
CA PHE A 127 -3.82 19.41 9.71
C PHE A 127 -3.14 18.66 8.58
N SER A 128 -3.17 17.33 8.68
CA SER A 128 -2.59 16.44 7.69
C SER A 128 -3.62 15.36 7.42
N MET A 129 -3.45 14.64 6.32
CA MET A 129 -4.39 13.60 5.95
C MET A 129 -3.69 12.29 5.62
N TYR A 130 -4.30 11.19 6.04
CA TYR A 130 -3.78 9.85 5.76
C TYR A 130 -4.39 9.46 4.42
N LEU A 131 -3.59 8.91 3.53
CA LEU A 131 -4.07 8.49 2.22
C LEU A 131 -3.80 7.01 2.02
N SER A 132 -4.71 6.34 1.33
CA SER A 132 -4.56 4.92 1.07
C SER A 132 -5.35 4.51 -0.17
N LEU A 133 -5.04 3.33 -0.69
CA LEU A 133 -5.74 2.78 -1.85
C LEU A 133 -6.99 2.09 -1.33
N GLN B 3 11.41 -4.09 12.01
CA GLN B 3 10.22 -3.20 12.00
C GLN B 3 9.49 -3.24 13.34
N SER B 4 8.40 -2.50 13.41
CA SER B 4 7.59 -2.46 14.62
C SER B 4 6.29 -3.13 14.23
N GLY B 5 5.46 -3.44 15.22
CA GLY B 5 4.20 -4.09 14.93
C GLY B 5 3.08 -3.15 14.57
N ILE B 6 3.41 -1.92 14.17
CA ILE B 6 2.38 -0.94 13.82
C ILE B 6 2.32 -0.67 12.31
N SER B 7 1.12 -0.78 11.75
CA SER B 7 0.89 -0.54 10.33
C SER B 7 1.15 0.92 9.94
N GLN B 8 1.65 1.14 8.72
CA GLN B 8 1.94 2.48 8.22
C GLN B 8 1.02 2.89 7.09
N THR B 9 0.91 4.20 6.88
CA THR B 9 0.08 4.76 5.83
C THR B 9 0.74 6.03 5.30
N VAL B 10 0.48 6.36 4.04
CA VAL B 10 1.01 7.60 3.47
C VAL B 10 0.31 8.76 4.19
N ILE B 11 1.05 9.81 4.51
CA ILE B 11 0.46 10.96 5.19
C ILE B 11 0.96 12.22 4.49
N VAL B 12 0.05 13.07 4.04
CA VAL B 12 0.43 14.32 3.38
C VAL B 12 0.03 15.48 4.27
N GLY B 13 0.84 16.54 4.22
CA GLY B 13 0.61 17.70 5.05
C GLY B 13 1.84 17.90 5.92
N PRO B 14 1.79 18.79 6.92
CA PRO B 14 0.60 19.57 7.26
C PRO B 14 0.47 20.90 6.52
N TRP B 15 -0.75 21.44 6.54
CA TRP B 15 -1.04 22.74 5.96
C TRP B 15 -1.48 23.58 7.15
N GLY B 16 -0.96 24.79 7.23
CA GLY B 16 -1.29 25.66 8.35
C GLY B 16 -0.01 26.12 9.03
N ALA B 17 -0.04 26.24 10.35
CA ALA B 17 1.13 26.68 11.10
C ALA B 17 2.27 25.67 10.96
N LYS B 18 3.49 26.17 10.94
CA LYS B 18 4.67 25.32 10.80
C LYS B 18 4.84 24.45 12.05
N GLY C 1 -1.09 20.51 -24.84
CA GLY C 1 0.29 19.96 -24.89
C GLY C 1 0.32 18.45 -25.06
N LYS C 2 1.53 17.90 -25.09
CA LYS C 2 1.70 16.45 -25.23
C LYS C 2 1.78 15.81 -23.85
N ALA C 3 0.79 14.97 -23.55
CA ALA C 3 0.74 14.30 -22.26
C ALA C 3 1.82 13.24 -22.11
N PHE C 4 2.26 13.00 -20.88
CA PHE C 4 3.25 11.97 -20.60
C PHE C 4 2.89 11.31 -19.27
N ASP C 5 3.39 10.10 -19.08
CA ASP C 5 3.13 9.37 -17.84
C ASP C 5 4.31 8.43 -17.65
N ASP C 6 5.23 8.78 -16.75
CA ASP C 6 6.40 7.95 -16.50
C ASP C 6 6.05 6.67 -15.75
N GLY C 7 4.99 6.71 -14.96
CA GLY C 7 4.63 5.54 -14.19
C GLY C 7 5.28 5.57 -12.83
N ALA C 8 5.20 4.46 -12.09
CA ALA C 8 5.75 4.38 -10.75
C ALA C 8 7.05 3.56 -10.67
N PHE C 9 7.98 4.05 -9.86
CA PHE C 9 9.27 3.38 -9.68
C PHE C 9 9.59 3.17 -8.21
N THR C 10 10.85 2.90 -7.91
CA THR C 10 11.30 2.63 -6.54
C THR C 10 11.76 3.89 -5.80
N GLY C 11 12.09 4.93 -6.55
CA GLY C 11 12.56 6.16 -5.95
C GLY C 11 13.00 7.15 -7.00
N ILE C 12 13.58 8.27 -6.55
CA ILE C 12 14.05 9.31 -7.46
C ILE C 12 15.53 9.59 -7.22
N ARG C 13 16.30 9.64 -8.29
CA ARG C 13 17.73 9.90 -8.20
C ARG C 13 18.13 11.29 -8.71
N GLU C 14 17.48 11.74 -9.77
CA GLU C 14 17.83 13.03 -10.34
C GLU C 14 16.67 13.62 -11.12
N ILE C 15 16.54 14.94 -11.06
CA ILE C 15 15.50 15.63 -11.78
C ILE C 15 16.16 16.69 -12.67
N ASN C 16 15.77 16.70 -13.93
CA ASN C 16 16.31 17.66 -14.90
C ASN C 16 15.14 18.47 -15.45
N LEU C 17 15.16 19.78 -15.22
CA LEU C 17 14.08 20.61 -15.73
C LEU C 17 14.68 21.88 -16.30
N SER C 18 13.87 22.65 -17.01
CA SER C 18 14.34 23.90 -17.57
C SER C 18 13.26 24.94 -17.33
N TYR C 19 13.66 26.20 -17.24
CA TYR C 19 12.69 27.26 -17.00
C TYR C 19 13.12 28.53 -17.70
N ASN C 20 12.21 29.49 -17.76
CA ASN C 20 12.48 30.78 -18.37
C ASN C 20 12.02 31.81 -17.33
N LYS C 21 12.91 32.72 -16.96
CA LYS C 21 12.62 33.73 -15.95
C LYS C 21 11.40 34.61 -16.26
N GLU C 22 10.93 34.60 -17.50
CA GLU C 22 9.79 35.43 -17.85
C GLU C 22 8.50 34.66 -18.14
N THR C 23 8.60 33.35 -18.32
CA THR C 23 7.42 32.57 -18.63
C THR C 23 7.08 31.48 -17.61
N ALA C 24 7.58 30.26 -17.85
CA ALA C 24 7.29 29.15 -16.96
C ALA C 24 8.27 28.00 -17.12
N ILE C 25 7.89 26.85 -16.58
CA ILE C 25 8.71 25.64 -16.64
C ILE C 25 8.59 25.05 -18.04
N GLY C 26 9.70 24.57 -18.58
CA GLY C 26 9.70 23.99 -19.92
C GLY C 26 9.89 22.50 -19.97
N ASP C 27 11.15 22.06 -20.03
CA ASP C 27 11.45 20.63 -20.12
C ASP C 27 11.43 19.95 -18.76
N PHE C 28 11.17 18.64 -18.77
CA PHE C 28 11.12 17.86 -17.53
C PHE C 28 11.52 16.42 -17.80
N GLN C 29 12.52 15.94 -17.06
CA GLN C 29 12.99 14.57 -17.22
C GLN C 29 13.46 14.08 -15.86
N VAL C 30 13.22 12.80 -15.58
CA VAL C 30 13.62 12.26 -14.29
C VAL C 30 14.42 10.97 -14.39
N VAL C 31 15.45 10.84 -13.57
CA VAL C 31 16.22 9.60 -13.53
C VAL C 31 15.67 8.95 -12.26
N TYR C 32 14.99 7.82 -12.43
CA TYR C 32 14.40 7.10 -11.31
C TYR C 32 15.31 6.00 -10.82
N ASP C 33 14.92 5.39 -9.72
CA ASP C 33 15.64 4.23 -9.22
C ASP C 33 14.66 3.11 -9.47
N LEU C 34 15.15 1.98 -9.98
CA LEU C 34 14.30 0.82 -10.23
C LEU C 34 14.96 -0.36 -9.54
N ASN C 35 14.53 -0.64 -8.32
CA ASN C 35 15.06 -1.75 -7.54
C ASN C 35 16.58 -1.69 -7.39
N GLY C 36 17.10 -0.49 -7.14
CA GLY C 36 18.53 -0.34 -6.95
C GLY C 36 19.35 0.07 -8.16
N SER C 37 18.72 0.11 -9.33
CA SER C 37 19.41 0.50 -10.55
C SER C 37 18.82 1.77 -11.15
N PRO C 38 19.69 2.67 -11.65
CA PRO C 38 19.18 3.90 -12.24
C PRO C 38 18.35 3.54 -13.48
N TYR C 39 17.27 4.28 -13.70
CA TYR C 39 16.42 4.07 -14.86
C TYR C 39 16.12 5.46 -15.38
N VAL C 40 16.60 5.76 -16.58
CA VAL C 40 16.42 7.08 -17.17
C VAL C 40 15.05 7.26 -17.83
N GLY C 41 14.27 8.19 -17.31
CA GLY C 41 12.95 8.44 -17.87
C GLY C 41 13.05 9.21 -19.18
N GLN C 42 12.00 9.14 -19.99
CA GLN C 42 12.00 9.84 -21.27
C GLN C 42 12.07 11.34 -21.00
N ASN C 43 12.78 12.07 -21.86
CA ASN C 43 12.88 13.52 -21.71
C ASN C 43 11.62 14.12 -22.29
N HIS C 44 10.89 14.88 -21.48
CA HIS C 44 9.66 15.52 -21.93
C HIS C 44 10.01 16.96 -22.22
N LYS C 45 10.11 17.27 -23.52
CA LYS C 45 10.53 18.59 -23.96
C LYS C 45 9.43 19.54 -24.43
N SER C 46 9.69 20.83 -24.22
CA SER C 46 8.78 21.88 -24.63
C SER C 46 8.81 21.95 -26.16
N PHE C 47 7.75 22.50 -26.75
CA PHE C 47 7.68 22.64 -28.20
C PHE C 47 8.63 23.73 -28.68
N ILE C 48 9.14 24.55 -27.75
CA ILE C 48 10.05 25.62 -28.12
C ILE C 48 11.36 25.55 -27.33
N THR C 49 12.26 26.50 -27.58
CA THR C 49 13.55 26.54 -26.90
C THR C 49 13.74 27.86 -26.18
N GLY C 50 14.93 28.07 -25.62
CA GLY C 50 15.23 29.30 -24.92
C GLY C 50 15.10 29.18 -23.41
N PHE C 51 15.14 27.96 -22.90
CA PHE C 51 15.02 27.72 -21.47
C PHE C 51 16.38 27.51 -20.82
N THR C 52 16.43 27.71 -19.51
CA THR C 52 17.66 27.53 -18.74
C THR C 52 17.58 26.17 -18.06
N PRO C 53 18.55 25.28 -18.32
CA PRO C 53 18.56 23.95 -17.72
C PRO C 53 19.00 23.91 -16.27
N VAL C 54 18.37 23.02 -15.50
CA VAL C 54 18.67 22.83 -14.09
C VAL C 54 18.79 21.34 -13.81
N LYS C 55 19.85 20.94 -13.11
CA LYS C 55 20.04 19.54 -12.76
C LYS C 55 19.99 19.39 -11.24
N ILE C 56 19.05 18.60 -10.76
CA ILE C 56 18.91 18.35 -9.33
C ILE C 56 19.36 16.92 -9.07
N SER C 57 20.58 16.78 -8.55
CA SER C 57 21.14 15.46 -8.26
C SER C 57 21.00 15.14 -6.79
N LEU C 58 20.12 14.20 -6.47
CA LEU C 58 19.88 13.80 -5.09
C LEU C 58 20.83 12.71 -4.62
N ASP C 59 21.17 12.75 -3.35
CA ASP C 59 22.05 11.74 -2.77
C ASP C 59 21.21 10.53 -2.37
N PHE C 60 20.70 9.84 -3.39
CA PHE C 60 19.86 8.65 -3.19
C PHE C 60 20.69 7.55 -2.51
N PRO C 61 20.09 6.84 -1.52
CA PRO C 61 18.73 6.98 -1.02
C PRO C 61 18.60 7.76 0.29
N SER C 62 19.69 8.32 0.79
CA SER C 62 19.63 9.07 2.05
C SER C 62 18.87 10.38 1.89
N GLU C 63 18.92 10.97 0.71
CA GLU C 63 18.21 12.22 0.44
C GLU C 63 16.98 11.97 -0.42
N TYR C 64 15.84 12.50 0.01
CA TYR C 64 14.58 12.35 -0.73
C TYR C 64 13.69 13.57 -0.56
N ILE C 65 12.82 13.79 -1.53
CA ILE C 65 11.90 14.93 -1.52
C ILE C 65 10.87 14.82 -0.40
N MET C 66 10.72 15.90 0.36
CA MET C 66 9.75 15.96 1.45
C MET C 66 8.63 16.94 1.14
N GLU C 67 8.87 17.85 0.19
CA GLU C 67 7.86 18.81 -0.19
C GLU C 67 8.09 19.37 -1.59
N VAL C 68 7.00 19.49 -2.34
CA VAL C 68 7.04 20.06 -3.68
C VAL C 68 6.09 21.24 -3.65
N SER C 69 6.54 22.40 -4.09
CA SER C 69 5.67 23.57 -4.10
C SER C 69 5.90 24.32 -5.39
N GLY C 70 5.01 25.25 -5.70
CA GLY C 70 5.17 26.02 -6.92
C GLY C 70 4.04 27.00 -7.11
N TYR C 71 3.92 27.49 -8.34
CA TYR C 71 2.89 28.44 -8.71
C TYR C 71 2.30 28.09 -10.05
N THR C 72 1.00 28.29 -10.21
CA THR C 72 0.34 28.06 -11.49
C THR C 72 -0.17 29.44 -11.87
N GLY C 73 -0.21 29.72 -13.16
CA GLY C 73 -0.68 31.02 -13.60
C GLY C 73 -0.84 31.07 -15.10
N ASN C 74 -1.44 32.15 -15.59
CA ASN C 74 -1.67 32.31 -17.01
C ASN C 74 -0.46 32.88 -17.74
N VAL C 75 -0.11 32.26 -18.85
CA VAL C 75 1.01 32.69 -19.68
C VAL C 75 0.51 32.60 -21.12
N SER C 76 0.39 33.75 -21.78
CA SER C 76 -0.08 33.80 -23.16
C SER C 76 -1.45 33.15 -23.32
N GLY C 77 -2.30 33.30 -22.32
CA GLY C 77 -3.64 32.73 -22.38
C GLY C 77 -3.75 31.29 -21.91
N TYR C 78 -2.64 30.70 -21.50
CA TYR C 78 -2.65 29.32 -21.03
C TYR C 78 -2.31 29.21 -19.55
N VAL C 79 -3.03 28.35 -18.84
CA VAL C 79 -2.76 28.15 -17.42
C VAL C 79 -1.66 27.09 -17.40
N VAL C 80 -0.51 27.44 -16.82
CA VAL C 80 0.62 26.53 -16.76
C VAL C 80 1.32 26.58 -15.40
N VAL C 81 2.29 25.68 -15.21
CA VAL C 81 3.06 25.65 -13.98
C VAL C 81 4.22 26.60 -14.22
N ARG C 82 4.20 27.74 -13.52
CA ARG C 82 5.23 28.75 -13.72
C ARG C 82 6.48 28.59 -12.89
N SER C 83 6.37 27.88 -11.77
CA SER C 83 7.51 27.70 -10.89
C SER C 83 7.43 26.41 -10.08
N LEU C 84 8.59 25.87 -9.74
CA LEU C 84 8.68 24.67 -8.94
C LEU C 84 9.81 24.81 -7.94
N THR C 85 9.61 24.23 -6.76
CA THR C 85 10.61 24.23 -5.70
C THR C 85 10.56 22.83 -5.10
N PHE C 86 11.73 22.26 -4.88
CA PHE C 86 11.82 20.92 -4.30
C PHE C 86 12.60 21.00 -3.00
N LYS C 87 11.98 20.54 -1.92
CA LYS C 87 12.64 20.54 -0.63
C LYS C 87 12.90 19.10 -0.21
N THR C 88 14.16 18.78 0.07
CA THR C 88 14.49 17.43 0.52
C THR C 88 14.84 17.53 2.00
N ASN C 89 15.21 16.40 2.60
CA ASN C 89 15.57 16.38 4.00
C ASN C 89 16.96 16.99 4.19
N LYS C 90 17.62 17.34 3.09
CA LYS C 90 18.95 17.92 3.16
C LYS C 90 19.03 19.39 2.74
N LYS C 91 18.25 19.78 1.74
CA LYS C 91 18.26 21.17 1.29
C LYS C 91 17.07 21.52 0.41
N THR C 92 17.03 22.78 -0.01
CA THR C 92 15.96 23.28 -0.85
C THR C 92 16.49 23.60 -2.24
N TYR C 93 15.80 23.12 -3.27
CA TYR C 93 16.20 23.38 -4.65
C TYR C 93 15.13 24.23 -5.29
N GLY C 94 15.50 25.47 -5.62
CA GLY C 94 14.55 26.38 -6.24
C GLY C 94 14.38 27.61 -5.37
N PRO C 95 13.39 28.45 -5.67
CA PRO C 95 12.44 28.28 -6.77
C PRO C 95 13.04 28.45 -8.16
N TYR C 96 12.47 27.73 -9.12
CA TYR C 96 12.90 27.82 -10.50
C TYR C 96 11.70 28.32 -11.28
N GLY C 97 11.90 29.39 -12.06
CA GLY C 97 10.79 29.92 -12.83
C GLY C 97 10.26 31.23 -12.26
N VAL C 98 8.98 31.48 -12.47
CA VAL C 98 8.36 32.71 -11.99
C VAL C 98 7.46 32.45 -10.77
N THR C 99 7.77 33.12 -9.65
CA THR C 99 6.98 32.95 -8.43
C THR C 99 5.82 33.95 -8.38
N SER C 100 4.89 33.78 -9.32
CA SER C 100 3.72 34.63 -9.42
C SER C 100 2.52 33.79 -9.85
N GLY C 101 1.34 34.12 -9.32
CA GLY C 101 0.15 33.39 -9.66
C GLY C 101 -0.45 32.74 -8.44
N THR C 102 -1.01 31.55 -8.59
CA THR C 102 -1.62 30.83 -7.48
C THR C 102 -0.66 29.77 -6.95
N PRO C 103 -0.31 29.86 -5.65
CA PRO C 103 0.61 28.85 -5.11
C PRO C 103 -0.04 27.52 -4.77
N PHE C 104 0.79 26.49 -4.70
CA PHE C 104 0.33 25.17 -4.31
C PHE C 104 1.53 24.53 -3.63
N ASN C 105 1.27 23.54 -2.78
CA ASN C 105 2.37 22.86 -2.12
C ASN C 105 1.91 21.53 -1.57
N LEU C 106 2.78 20.54 -1.69
CA LEU C 106 2.47 19.20 -1.23
C LEU C 106 3.57 18.72 -0.30
N PRO C 107 3.36 18.87 1.02
CA PRO C 107 4.34 18.43 2.00
C PRO C 107 4.00 16.96 2.28
N ILE C 108 5.00 16.15 2.54
CA ILE C 108 4.78 14.74 2.82
C ILE C 108 5.34 14.38 4.20
N GLU C 109 4.47 13.88 5.08
CA GLU C 109 4.89 13.48 6.42
C GLU C 109 5.42 12.06 6.41
N ASN C 110 4.77 11.20 5.64
CA ASN C 110 5.18 9.80 5.56
C ASN C 110 4.92 9.31 4.15
N GLY C 111 5.95 8.78 3.50
CA GLY C 111 5.77 8.30 2.14
C GLY C 111 6.79 8.90 1.20
N LEU C 112 6.73 8.49 -0.06
CA LEU C 112 7.67 8.94 -1.07
C LEU C 112 7.03 9.22 -2.41
N ILE C 113 7.59 10.16 -3.16
CA ILE C 113 7.13 10.44 -4.51
C ILE C 113 7.89 9.40 -5.33
N VAL C 114 7.18 8.63 -6.15
CA VAL C 114 7.83 7.60 -6.95
C VAL C 114 7.56 7.67 -8.44
N GLY C 115 6.95 8.76 -8.89
CA GLY C 115 6.66 8.91 -10.30
C GLY C 115 5.95 10.20 -10.62
N PHE C 116 5.99 10.58 -11.90
CA PHE C 116 5.36 11.81 -12.37
C PHE C 116 4.59 11.55 -13.66
N LYS C 117 3.59 12.38 -13.89
CA LYS C 117 2.79 12.34 -15.11
C LYS C 117 2.32 13.77 -15.33
N GLY C 118 1.98 14.11 -16.57
CA GLY C 118 1.54 15.46 -16.84
C GLY C 118 1.43 15.74 -18.32
N SER C 119 1.62 17.01 -18.69
CA SER C 119 1.54 17.42 -20.08
C SER C 119 2.43 18.65 -20.31
N ILE C 120 3.07 18.70 -21.46
CA ILE C 120 3.94 19.82 -21.80
C ILE C 120 3.73 20.25 -23.25
N GLY C 121 3.45 21.54 -23.44
CA GLY C 121 3.28 22.08 -24.78
C GLY C 121 4.44 23.06 -24.87
N TYR C 122 4.12 24.35 -24.89
CA TYR C 122 5.17 25.35 -24.90
C TYR C 122 5.76 25.29 -23.49
N TRP C 123 4.89 25.02 -22.52
CA TRP C 123 5.29 24.95 -21.11
C TRP C 123 4.62 23.76 -20.42
N LEU C 124 5.02 23.51 -19.18
CA LEU C 124 4.44 22.42 -18.38
C LEU C 124 3.00 22.83 -18.06
N ASP C 125 2.04 22.16 -18.68
CA ASP C 125 0.62 22.47 -18.48
C ASP C 125 0.10 22.06 -17.11
N TYR C 126 0.44 20.86 -16.68
CA TYR C 126 0.01 20.35 -15.40
C TYR C 126 0.81 19.10 -15.09
N PHE C 127 0.76 18.67 -13.84
CA PHE C 127 1.44 17.44 -13.46
C PHE C 127 0.84 16.86 -12.21
N SER C 128 1.05 15.56 -12.04
CA SER C 128 0.56 14.80 -10.90
C SER C 128 1.72 13.96 -10.41
N MET C 129 1.61 13.46 -9.19
CA MET C 129 2.68 12.65 -8.63
C MET C 129 2.16 11.34 -8.04
N TYR C 130 2.94 10.28 -8.24
CA TYR C 130 2.63 8.98 -7.70
C TYR C 130 3.26 8.95 -6.30
N LEU C 131 2.50 8.49 -5.31
CA LEU C 131 3.00 8.41 -3.94
C LEU C 131 2.92 6.98 -3.44
N SER C 132 3.91 6.59 -2.65
CA SER C 132 3.94 5.24 -2.10
C SER C 132 4.79 5.16 -0.85
N LEU C 133 4.63 4.07 -0.11
CA LEU C 133 5.45 3.83 1.07
C LEU C 133 6.67 3.10 0.52
N GLN D 3 -10.55 -7.86 -10.97
CA GLN D 3 -9.30 -7.05 -10.92
C GLN D 3 -8.56 -7.10 -12.26
N SER D 4 -7.49 -6.33 -12.36
CA SER D 4 -6.67 -6.33 -13.56
C SER D 4 -5.31 -6.69 -13.01
N GLY D 5 -4.44 -7.20 -13.86
CA GLY D 5 -3.12 -7.58 -13.41
C GLY D 5 -2.17 -6.41 -13.31
N ILE D 6 -2.70 -5.19 -13.25
CA ILE D 6 -1.85 -3.99 -13.15
C ILE D 6 -1.83 -3.40 -11.74
N SER D 7 -0.63 -3.28 -11.17
CA SER D 7 -0.46 -2.73 -9.83
C SER D 7 -0.88 -1.26 -9.78
N GLN D 8 -1.50 -0.86 -8.68
CA GLN D 8 -1.97 0.50 -8.50
C GLN D 8 -1.18 1.24 -7.42
N THR D 9 -1.22 2.55 -7.48
CA THR D 9 -0.55 3.36 -6.46
C THR D 9 -1.32 4.68 -6.32
N VAL D 10 -1.18 5.32 -5.17
CA VAL D 10 -1.85 6.59 -4.92
C VAL D 10 -1.31 7.66 -5.89
N ILE D 11 -2.20 8.49 -6.42
CA ILE D 11 -1.78 9.56 -7.33
C ILE D 11 -2.47 10.83 -6.89
N VAL D 12 -1.70 11.89 -6.68
CA VAL D 12 -2.28 13.17 -6.27
C VAL D 12 -2.01 14.18 -7.37
N GLY D 13 -2.94 15.11 -7.52
CA GLY D 13 -2.86 16.12 -8.54
C GLY D 13 -4.08 15.97 -9.42
N PRO D 14 -4.13 16.63 -10.58
CA PRO D 14 -3.06 17.49 -11.08
C PRO D 14 -3.12 18.95 -10.61
N TRP D 15 -1.97 19.62 -10.73
CA TRP D 15 -1.86 21.03 -10.41
C TRP D 15 -1.52 21.66 -11.75
N GLY D 16 -2.16 22.78 -12.06
CA GLY D 16 -1.93 23.45 -13.33
C GLY D 16 -3.23 23.56 -14.11
N ALA D 17 -3.15 23.47 -15.43
CA ALA D 17 -4.33 23.57 -16.28
C ALA D 17 -5.33 22.47 -15.95
N LYS D 18 -6.61 22.73 -16.23
CA LYS D 18 -7.66 21.76 -15.96
C LYS D 18 -7.88 20.86 -17.17
N GLY E 1 -20.32 -23.42 7.31
CA GLY E 1 -20.15 -22.69 8.60
C GLY E 1 -20.55 -21.23 8.43
N LYS E 2 -20.46 -20.47 9.52
CA LYS E 2 -20.82 -19.06 9.50
C LYS E 2 -19.60 -18.21 9.16
N ALA E 3 -19.67 -17.49 8.05
CA ALA E 3 -18.54 -16.66 7.63
C ALA E 3 -18.40 -15.42 8.50
N PHE E 4 -17.17 -14.95 8.64
CA PHE E 4 -16.89 -13.74 9.40
C PHE E 4 -15.77 -12.97 8.70
N ASP E 5 -15.71 -11.68 8.94
CA ASP E 5 -14.68 -10.85 8.34
C ASP E 5 -14.44 -9.67 9.27
N ASP E 6 -13.37 -9.75 10.07
CA ASP E 6 -13.03 -8.70 11.02
C ASP E 6 -12.60 -7.42 10.32
N GLY E 7 -11.96 -7.56 9.15
CA GLY E 7 -11.50 -6.39 8.43
C GLY E 7 -10.05 -6.11 8.76
N ALA E 8 -9.57 -4.93 8.37
CA ALA E 8 -8.18 -4.54 8.62
C ALA E 8 -8.03 -3.51 9.74
N PHE E 9 -6.97 -3.69 10.54
CA PHE E 9 -6.68 -2.78 11.64
C PHE E 9 -5.23 -2.31 11.56
N THR E 10 -4.69 -1.81 12.66
CA THR E 10 -3.31 -1.33 12.62
C THR E 10 -2.30 -2.28 13.24
N GLY E 11 -2.80 -3.36 13.83
CA GLY E 11 -1.91 -4.33 14.44
C GLY E 11 -2.66 -5.38 15.24
N ILE E 12 -1.92 -6.29 15.86
CA ILE E 12 -2.54 -7.35 16.65
C ILE E 12 -1.99 -7.35 18.07
N ARG E 13 -2.89 -7.35 19.05
CA ARG E 13 -2.48 -7.35 20.45
C ARG E 13 -2.66 -8.71 21.12
N GLU E 14 -3.75 -9.40 20.80
CA GLU E 14 -4.02 -10.68 21.42
C GLU E 14 -4.90 -11.59 20.57
N ILE E 15 -4.60 -12.89 20.61
CA ILE E 15 -5.38 -13.87 19.87
C ILE E 15 -5.94 -14.91 20.84
N ASN E 16 -7.24 -15.11 20.79
CA ASN E 16 -7.91 -16.09 21.65
C ASN E 16 -8.57 -17.14 20.78
N LEU E 17 -8.07 -18.37 20.90
CA LEU E 17 -8.64 -19.47 20.11
C LEU E 17 -8.80 -20.69 21.01
N SER E 18 -9.56 -21.67 20.52
CA SER E 18 -9.79 -22.89 21.26
C SER E 18 -9.62 -24.05 20.28
N TYR E 19 -9.18 -25.19 20.80
CA TYR E 19 -8.98 -26.35 19.94
C TYR E 19 -9.32 -27.64 20.69
N ASN E 20 -9.29 -28.75 19.96
CA ASN E 20 -9.56 -30.07 20.51
C ASN E 20 -8.54 -31.00 19.88
N LYS E 21 -7.74 -31.66 20.72
CA LYS E 21 -6.69 -32.56 20.24
C LYS E 21 -7.17 -33.71 19.35
N GLU E 22 -8.48 -33.87 19.21
CA GLU E 22 -8.99 -34.95 18.39
C GLU E 22 -9.69 -34.48 17.12
N THR E 23 -10.03 -33.20 17.07
CA THR E 23 -10.71 -32.66 15.90
C THR E 23 -9.94 -31.53 15.24
N ALA E 24 -10.29 -30.29 15.58
CA ALA E 24 -9.64 -29.15 14.96
C ALA E 24 -9.80 -27.87 15.78
N ILE E 25 -9.51 -26.74 15.14
CA ILE E 25 -9.64 -25.44 15.77
C ILE E 25 -11.12 -25.11 15.89
N GLY E 26 -11.51 -24.53 17.01
CA GLY E 26 -12.89 -24.17 17.22
C GLY E 26 -13.14 -22.67 17.18
N ASP E 27 -13.16 -22.06 18.35
CA ASP E 27 -13.39 -20.63 18.48
C ASP E 27 -12.19 -19.78 18.06
N PHE E 28 -12.46 -18.55 17.61
CA PHE E 28 -11.40 -17.64 17.19
C PHE E 28 -11.82 -16.20 17.46
N GLN E 29 -10.99 -15.47 18.21
CA GLN E 29 -11.29 -14.08 18.53
C GLN E 29 -9.98 -13.31 18.61
N VAL E 30 -9.98 -12.09 18.09
CA VAL E 30 -8.77 -11.29 18.09
C VAL E 30 -8.95 -9.91 18.71
N VAL E 31 -7.98 -9.48 19.50
CA VAL E 31 -8.01 -8.14 20.06
C VAL E 31 -7.00 -7.41 19.19
N TYR E 32 -7.49 -6.48 18.37
CA TYR E 32 -6.63 -5.73 17.48
C TYR E 32 -6.18 -4.42 18.08
N ASP E 33 -5.20 -3.81 17.43
CA ASP E 33 -4.76 -2.48 17.83
C ASP E 33 -5.45 -1.60 16.81
N LEU E 34 -6.05 -0.51 17.26
CA LEU E 34 -6.69 0.43 16.36
C LEU E 34 -6.13 1.81 16.64
N ASN E 35 -5.06 2.14 15.94
CA ASN E 35 -4.41 3.43 16.10
C ASN E 35 -3.96 3.70 17.54
N GLY E 36 -3.30 2.71 18.14
CA GLY E 36 -2.81 2.87 19.50
C GLY E 36 -3.72 2.38 20.61
N SER E 37 -4.98 2.12 20.30
CA SER E 37 -5.93 1.64 21.30
C SER E 37 -6.41 0.23 21.00
N PRO E 38 -6.64 -0.57 22.05
CA PRO E 38 -7.11 -1.95 21.85
C PRO E 38 -8.50 -1.94 21.27
N TYR E 39 -8.78 -2.88 20.36
CA TYR E 39 -10.09 -2.99 19.77
C TYR E 39 -10.44 -4.48 19.80
N VAL E 40 -11.45 -4.82 20.61
CA VAL E 40 -11.88 -6.20 20.76
C VAL E 40 -12.78 -6.67 19.63
N GLY E 41 -12.27 -7.58 18.81
CA GLY E 41 -13.06 -8.11 17.71
C GLY E 41 -14.13 -9.05 18.21
N GLN E 42 -15.16 -9.28 17.39
CA GLN E 42 -16.24 -10.17 17.76
C GLN E 42 -15.71 -11.58 18.00
N ASN E 43 -16.32 -12.29 18.94
CA ASN E 43 -15.90 -13.66 19.20
C ASN E 43 -16.61 -14.58 18.22
N HIS E 44 -15.83 -15.27 17.40
CA HIS E 44 -16.39 -16.19 16.41
C HIS E 44 -16.33 -17.57 17.05
N LYS E 45 -17.49 -18.08 17.42
CA LYS E 45 -17.57 -19.37 18.10
C LYS E 45 -18.09 -20.53 17.29
N SER E 46 -17.63 -21.73 17.68
CA SER E 46 -18.03 -22.97 17.05
C SER E 46 -19.48 -23.27 17.40
N PHE E 47 -20.14 -24.08 16.57
CA PHE E 47 -21.54 -24.43 16.83
C PHE E 47 -21.63 -25.39 18.02
N ILE E 48 -20.51 -26.02 18.35
CA ILE E 48 -20.47 -26.97 19.46
C ILE E 48 -19.47 -26.55 20.55
N THR E 49 -19.40 -27.34 21.60
CA THR E 49 -18.50 -27.05 22.71
C THR E 49 -17.52 -28.20 22.96
N GLY E 50 -16.71 -28.04 24.01
CA GLY E 50 -15.74 -29.07 24.35
C GLY E 50 -14.31 -28.74 23.92
N PHE E 51 -14.07 -27.47 23.63
CA PHE E 51 -12.74 -27.03 23.20
C PHE E 51 -11.89 -26.49 24.35
N THR E 52 -10.58 -26.56 24.17
CA THR E 52 -9.61 -26.07 25.16
C THR E 52 -9.17 -24.66 24.78
N PRO E 53 -9.45 -23.68 25.65
CA PRO E 53 -9.09 -22.27 25.43
C PRO E 53 -7.60 -21.98 25.47
N VAL E 54 -7.17 -21.04 24.63
CA VAL E 54 -5.77 -20.64 24.57
C VAL E 54 -5.72 -19.12 24.38
N LYS E 55 -4.91 -18.45 25.19
CA LYS E 55 -4.77 -17.01 25.08
C LYS E 55 -3.35 -16.67 24.70
N ILE E 56 -3.19 -15.95 23.58
CA ILE E 56 -1.87 -15.55 23.11
C ILE E 56 -1.77 -14.03 23.23
N SER E 57 -1.13 -13.56 24.30
CA SER E 57 -0.96 -12.12 24.52
C SER E 57 0.40 -11.68 24.01
N LEU E 58 0.40 -10.85 22.98
CA LEU E 58 1.63 -10.37 22.39
C LEU E 58 2.10 -9.08 23.05
N ASP E 59 3.41 -8.90 23.13
CA ASP E 59 3.98 -7.70 23.72
C ASP E 59 4.02 -6.60 22.64
N PHE E 60 2.83 -6.11 22.29
CA PHE E 60 2.66 -5.07 21.29
C PHE E 60 3.29 -3.77 21.81
N PRO E 61 3.95 -3.00 20.93
CA PRO E 61 4.17 -3.29 19.51
C PRO E 61 5.52 -3.90 19.18
N SER E 62 6.33 -4.21 20.20
CA SER E 62 7.65 -4.78 19.97
C SER E 62 7.60 -6.21 19.46
N GLU E 63 6.53 -6.93 19.78
CA GLU E 63 6.38 -8.31 19.33
C GLU E 63 5.28 -8.40 18.29
N TYR E 64 5.58 -9.05 17.17
CA TYR E 64 4.62 -9.21 16.09
C TYR E 64 4.82 -10.55 15.37
N ILE E 65 3.76 -11.05 14.76
CA ILE E 65 3.82 -12.32 14.05
C ILE E 65 4.67 -12.27 12.79
N MET E 66 5.58 -13.22 12.65
CA MET E 66 6.48 -13.31 11.50
C MET E 66 6.14 -14.51 10.62
N GLU E 67 5.41 -15.47 11.18
CA GLU E 67 5.01 -16.65 10.42
C GLU E 67 3.82 -17.36 11.02
N VAL E 68 2.91 -17.78 10.15
CA VAL E 68 1.72 -18.52 10.55
C VAL E 68 1.79 -19.84 9.82
N SER E 69 1.62 -20.94 10.54
CA SER E 69 1.66 -22.24 9.89
C SER E 69 0.57 -23.11 10.47
N GLY E 70 0.28 -24.22 9.82
CA GLY E 70 -0.77 -25.09 10.33
C GLY E 70 -1.02 -26.28 9.43
N TYR E 71 -2.16 -26.92 9.66
CA TYR E 71 -2.56 -28.10 8.92
C TYR E 71 -4.04 -28.03 8.58
N THR E 72 -4.40 -28.51 7.41
CA THR E 72 -5.79 -28.56 7.01
C THR E 72 -6.04 -30.04 6.73
N GLY E 73 -7.27 -30.49 6.91
CA GLY E 73 -7.53 -31.89 6.67
C GLY E 73 -8.98 -32.23 6.89
N ASN E 74 -9.33 -33.47 6.61
CA ASN E 74 -10.71 -33.91 6.76
C ASN E 74 -11.08 -34.31 8.18
N VAL E 75 -12.22 -33.79 8.63
CA VAL E 75 -12.77 -34.13 9.92
C VAL E 75 -14.25 -34.28 9.68
N SER E 76 -14.79 -35.47 9.97
CA SER E 76 -16.22 -35.73 9.79
C SER E 76 -16.71 -35.43 8.36
N GLY E 77 -15.83 -35.63 7.37
CA GLY E 77 -16.23 -35.40 5.99
C GLY E 77 -16.12 -33.97 5.47
N TYR E 78 -15.56 -33.09 6.28
CA TYR E 78 -15.38 -31.69 5.90
C TYR E 78 -13.89 -31.35 5.90
N VAL E 79 -13.48 -30.39 5.08
CA VAL E 79 -12.09 -29.98 5.09
C VAL E 79 -12.08 -28.78 6.04
N VAL E 80 -11.22 -28.83 7.05
CA VAL E 80 -11.14 -27.76 8.03
C VAL E 80 -9.70 -27.51 8.44
N VAL E 81 -9.50 -26.44 9.22
CA VAL E 81 -8.17 -26.09 9.72
C VAL E 81 -8.02 -26.84 11.03
N ARG E 82 -7.12 -27.84 11.05
CA ARG E 82 -6.94 -28.66 12.23
C ARG E 82 -5.92 -28.16 13.25
N SER E 83 -4.96 -27.37 12.80
CA SER E 83 -3.93 -26.87 13.69
C SER E 83 -3.38 -25.51 13.24
N LEU E 84 -2.89 -24.74 14.20
CA LEU E 84 -2.30 -23.43 13.92
C LEU E 84 -1.10 -23.20 14.83
N THR E 85 -0.10 -22.51 14.29
CA THR E 85 1.10 -22.16 15.02
C THR E 85 1.42 -20.72 14.65
N PHE E 86 1.72 -19.90 15.65
CA PHE E 86 2.06 -18.51 15.45
C PHE E 86 3.47 -18.25 15.92
N LYS E 87 4.35 -17.85 15.00
CA LYS E 87 5.73 -17.57 15.35
C LYS E 87 5.97 -16.07 15.30
N THR E 88 6.40 -15.50 16.41
CA THR E 88 6.68 -14.06 16.45
C THR E 88 8.20 -13.86 16.48
N ASN E 89 8.63 -12.61 16.54
CA ASN E 89 10.04 -12.30 16.57
C ASN E 89 10.63 -12.62 17.94
N LYS E 90 9.79 -13.05 18.88
CA LYS E 90 10.24 -13.38 20.22
C LYS E 90 9.98 -14.81 20.66
N LYS E 91 8.88 -15.40 20.21
CA LYS E 91 8.53 -16.74 20.64
C LYS E 91 7.62 -17.48 19.66
N THR E 92 7.49 -18.78 19.85
CA THR E 92 6.63 -19.61 19.01
C THR E 92 5.45 -20.08 19.85
N TYR E 93 4.24 -19.83 19.36
CA TYR E 93 3.03 -20.22 20.08
C TYR E 93 2.36 -21.36 19.32
N GLY E 94 2.32 -22.53 19.95
CA GLY E 94 1.70 -23.68 19.33
C GLY E 94 2.73 -24.77 19.07
N PRO E 95 2.39 -25.78 18.25
CA PRO E 95 1.10 -25.93 17.56
C PRO E 95 -0.08 -26.20 18.48
N TYR E 96 -1.23 -25.67 18.06
CA TYR E 96 -2.47 -25.86 18.81
C TYR E 96 -3.38 -26.70 17.92
N GLY E 97 -3.80 -27.85 18.40
CA GLY E 97 -4.68 -28.70 17.60
C GLY E 97 -4.00 -29.96 17.11
N VAL E 98 -4.56 -30.55 16.07
CA VAL E 98 -4.02 -31.79 15.50
C VAL E 98 -3.09 -31.50 14.32
N THR E 99 -1.82 -31.87 14.46
CA THR E 99 -0.85 -31.66 13.39
C THR E 99 -0.87 -32.81 12.40
N SER E 100 -2.00 -32.99 11.73
CA SER E 100 -2.16 -34.04 10.75
C SER E 100 -2.91 -33.52 9.52
N GLY E 101 -2.53 -34.01 8.35
CA GLY E 101 -3.18 -33.58 7.13
C GLY E 101 -2.19 -32.90 6.19
N THR E 102 -2.66 -31.84 5.54
CA THR E 102 -1.82 -31.10 4.61
C THR E 102 -1.30 -29.82 5.27
N PRO E 103 0.03 -29.66 5.34
CA PRO E 103 0.56 -28.44 5.96
C PRO E 103 0.51 -27.22 5.05
N PHE E 104 0.58 -26.04 5.68
CA PHE E 104 0.64 -24.78 4.96
C PHE E 104 1.44 -23.85 5.86
N ASN E 105 2.09 -22.86 5.28
CA ASN E 105 2.84 -21.93 6.09
C ASN E 105 3.01 -20.62 5.34
N LEU E 106 2.92 -19.52 6.09
CA LEU E 106 3.07 -18.20 5.53
C LEU E 106 4.13 -17.41 6.27
N PRO E 107 5.37 -17.42 5.77
CA PRO E 107 6.47 -16.68 6.39
C PRO E 107 6.38 -15.26 5.82
N ILE E 108 6.63 -14.25 6.64
CA ILE E 108 6.56 -12.87 6.18
C ILE E 108 7.93 -12.21 6.31
N GLU E 109 8.49 -11.82 5.18
CA GLU E 109 9.80 -11.19 5.16
C GLU E 109 9.67 -9.69 5.44
N ASN E 110 8.62 -9.09 4.91
CA ASN E 110 8.37 -7.67 5.13
C ASN E 110 6.86 -7.43 5.12
N GLY E 111 6.37 -6.83 6.19
CA GLY E 111 4.95 -6.56 6.28
C GLY E 111 4.38 -7.06 7.60
N LEU E 112 3.09 -6.83 7.79
CA LEU E 112 2.42 -7.23 9.02
C LEU E 112 1.03 -7.78 8.76
N ILE E 113 0.59 -8.68 9.62
CA ILE E 113 -0.76 -9.23 9.53
C ILE E 113 -1.59 -8.20 10.28
N VAL E 114 -2.66 -7.71 9.66
CA VAL E 114 -3.48 -6.70 10.31
C VAL E 114 -4.97 -7.04 10.38
N GLY E 115 -5.32 -8.29 10.05
CA GLY E 115 -6.72 -8.66 10.08
C GLY E 115 -6.94 -10.11 9.70
N PHE E 116 -8.12 -10.62 10.05
CA PHE E 116 -8.50 -12.00 9.77
C PHE E 116 -9.93 -12.09 9.24
N LYS E 117 -10.21 -13.12 8.46
CA LYS E 117 -11.54 -13.40 7.95
C LYS E 117 -11.58 -14.90 7.77
N GLY E 118 -12.78 -15.47 7.73
CA GLY E 118 -12.90 -16.90 7.57
C GLY E 118 -14.32 -17.39 7.76
N SER E 119 -14.43 -18.63 8.22
CA SER E 119 -15.74 -19.25 8.45
C SER E 119 -15.59 -20.32 9.52
N ILE E 120 -16.61 -20.45 10.36
CA ILE E 120 -16.60 -21.45 11.42
C ILE E 120 -17.96 -22.12 11.55
N GLY E 121 -17.95 -23.45 11.52
CA GLY E 121 -19.17 -24.22 11.70
C GLY E 121 -18.86 -24.98 12.98
N TYR E 122 -18.64 -26.30 12.87
CA TYR E 122 -18.26 -27.08 14.03
C TYR E 122 -16.83 -26.65 14.34
N TRP E 123 -16.06 -26.44 13.26
CA TRP E 123 -14.66 -26.04 13.37
C TRP E 123 -14.35 -24.92 12.39
N LEU E 124 -13.12 -24.42 12.45
CA LEU E 124 -12.68 -23.35 11.54
C LEU E 124 -12.57 -23.96 10.14
N ASP E 125 -13.49 -23.58 9.25
CA ASP E 125 -13.51 -24.11 7.88
C ASP E 125 -12.34 -23.61 7.04
N TYR E 126 -12.07 -22.31 7.13
CA TYR E 126 -10.99 -21.70 6.38
C TYR E 126 -10.75 -20.31 6.94
N PHE E 127 -9.62 -19.71 6.57
CA PHE E 127 -9.32 -18.36 7.02
C PHE E 127 -8.32 -17.72 6.08
N SER E 128 -8.37 -16.39 6.03
CA SER E 128 -7.49 -15.58 5.20
C SER E 128 -6.94 -14.49 6.09
N MET E 129 -5.87 -13.85 5.65
CA MET E 129 -5.25 -12.79 6.43
C MET E 129 -5.00 -11.53 5.64
N TYR E 130 -5.28 -10.38 6.26
CA TYR E 130 -5.05 -9.09 5.65
C TYR E 130 -3.58 -8.74 5.92
N LEU E 131 -2.87 -8.28 4.91
CA LEU E 131 -1.46 -7.92 5.06
C LEU E 131 -1.26 -6.46 4.70
N SER E 132 -0.32 -5.80 5.39
CA SER E 132 -0.03 -4.39 5.12
C SER E 132 1.37 -4.04 5.58
N LEU E 133 1.84 -2.88 5.14
CA LEU E 133 3.16 -2.40 5.54
C LEU E 133 3.01 -1.58 6.82
N GLN F 3 -13.78 4.39 -8.57
CA GLN F 3 -13.56 3.51 -7.38
C GLN F 3 -14.75 3.60 -6.44
N SER F 4 -14.56 3.09 -5.23
CA SER F 4 -15.58 3.12 -4.20
C SER F 4 -14.91 3.83 -3.03
N GLY F 5 -15.70 4.21 -2.03
CA GLY F 5 -15.12 4.91 -0.89
C GLY F 5 -14.54 3.99 0.17
N ILE F 6 -14.30 2.73 -0.20
CA ILE F 6 -13.78 1.76 0.75
C ILE F 6 -12.31 1.43 0.49
N SER F 7 -11.49 1.57 1.53
CA SER F 7 -10.06 1.29 1.44
C SER F 7 -9.83 -0.21 1.28
N GLN F 8 -8.76 -0.59 0.58
CA GLN F 8 -8.46 -2.00 0.42
C GLN F 8 -7.06 -2.35 0.88
N THR F 9 -6.82 -3.64 1.10
CA THR F 9 -5.50 -4.09 1.53
C THR F 9 -5.29 -5.46 0.90
N VAL F 10 -4.04 -5.90 0.89
CA VAL F 10 -3.73 -7.21 0.33
C VAL F 10 -4.33 -8.26 1.25
N ILE F 11 -4.89 -9.32 0.67
CA ILE F 11 -5.46 -10.40 1.47
C ILE F 11 -4.94 -11.71 0.88
N VAL F 12 -4.34 -12.55 1.72
CA VAL F 12 -3.83 -13.84 1.27
C VAL F 12 -4.69 -14.93 1.91
N GLY F 13 -4.87 -16.02 1.18
CA GLY F 13 -5.69 -17.11 1.65
C GLY F 13 -6.81 -17.30 0.66
N PRO F 14 -7.82 -18.11 0.98
CA PRO F 14 -7.91 -18.82 2.25
C PRO F 14 -7.25 -20.20 2.26
N TRP F 15 -6.95 -20.67 3.47
CA TRP F 15 -6.39 -22.00 3.67
C TRP F 15 -7.52 -22.76 4.38
N GLY F 16 -7.80 -23.96 3.92
CA GLY F 16 -8.87 -24.75 4.51
C GLY F 16 -9.81 -25.21 3.40
N ALA F 17 -11.12 -25.21 3.68
CA ALA F 17 -12.11 -25.61 2.69
C ALA F 17 -12.01 -24.72 1.46
N LYS F 18 -12.29 -25.29 0.29
CA LYS F 18 -12.21 -24.52 -0.93
C LYS F 18 -13.35 -23.51 -1.07
N SER F 19 -13.03 -22.32 -1.56
CA SER F 19 -14.01 -21.26 -1.73
C SER F 19 -14.15 -20.84 -3.19
N SER F 20 -13.22 -21.26 -4.02
CA SER F 20 -13.24 -20.92 -5.44
C SER F 20 -12.67 -22.05 -6.29
N GLY G 1 23.60 -21.97 -3.36
CA GLY G 1 23.34 -21.43 -4.72
C GLY G 1 23.62 -19.95 -4.83
N LYS G 2 23.34 -19.39 -6.00
CA LYS G 2 23.56 -17.98 -6.26
C LYS G 2 22.25 -17.23 -6.04
N ALA G 3 22.25 -16.30 -5.10
CA ALA G 3 21.06 -15.53 -4.79
C ALA G 3 20.72 -14.51 -5.86
N PHE G 4 19.44 -14.19 -5.98
CA PHE G 4 18.98 -13.19 -6.93
C PHE G 4 17.79 -12.45 -6.32
N ASP G 5 17.55 -11.25 -6.81
CA ASP G 5 16.45 -10.43 -6.31
C ASP G 5 16.03 -9.53 -7.45
N ASP G 6 14.94 -9.88 -8.13
CA ASP G 6 14.47 -9.06 -9.26
C ASP G 6 13.90 -7.72 -8.82
N GLY G 7 13.32 -7.69 -7.63
CA GLY G 7 12.71 -6.45 -7.16
C GLY G 7 11.24 -6.46 -7.49
N ALA G 8 10.58 -5.31 -7.31
CA ALA G 8 9.14 -5.20 -7.57
C ALA G 8 8.84 -4.43 -8.84
N PHE G 9 7.80 -4.87 -9.54
CA PHE G 9 7.37 -4.25 -10.80
C PHE G 9 5.87 -3.94 -10.79
N THR G 10 5.33 -3.68 -11.98
CA THR G 10 3.92 -3.33 -12.17
C THR G 10 3.03 -4.56 -12.34
N GLY G 11 3.63 -5.68 -12.74
CA GLY G 11 2.87 -6.89 -12.95
C GLY G 11 3.74 -7.95 -13.60
N ILE G 12 3.10 -9.05 -14.02
CA ILE G 12 3.82 -10.16 -14.64
C ILE G 12 3.23 -10.49 -16.01
N ARG G 13 4.09 -10.61 -17.02
CA ARG G 13 3.66 -10.93 -18.37
C ARG G 13 3.99 -12.35 -18.80
N GLU G 14 5.13 -12.87 -18.36
CA GLU G 14 5.52 -14.21 -18.76
C GLU G 14 6.52 -14.82 -17.78
N ILE G 15 6.41 -16.13 -17.58
CA ILE G 15 7.33 -16.84 -16.71
C ILE G 15 7.98 -17.97 -17.50
N ASN G 16 9.30 -18.03 -17.44
CA ASN G 16 10.06 -19.07 -18.13
C ASN G 16 10.82 -19.86 -17.09
N LEU G 17 10.52 -21.14 -16.98
CA LEU G 17 11.21 -21.99 -16.01
C LEU G 17 11.54 -23.32 -16.65
N SER G 18 12.37 -24.10 -15.98
CA SER G 18 12.73 -25.43 -16.48
C SER G 18 12.70 -26.39 -15.30
N TYR G 19 12.44 -27.65 -15.58
CA TYR G 19 12.39 -28.64 -14.52
C TYR G 19 12.86 -29.99 -15.04
N ASN G 20 12.98 -30.93 -14.12
CA ASN G 20 13.40 -32.29 -14.44
C ASN G 20 12.52 -33.23 -13.63
N LYS G 21 11.88 -34.18 -14.31
CA LYS G 21 10.98 -35.15 -13.67
C LYS G 21 11.60 -35.96 -12.54
N GLU G 22 12.92 -35.96 -12.42
CA GLU G 22 13.55 -36.74 -11.37
C GLU G 22 14.16 -35.91 -10.25
N THR G 23 14.37 -34.62 -10.49
CA THR G 23 14.97 -33.77 -9.47
C THR G 23 14.09 -32.62 -9.01
N ALA G 24 14.35 -31.42 -9.53
CA ALA G 24 13.59 -30.25 -9.13
C ALA G 24 13.59 -29.15 -10.18
N ILE G 25 13.13 -27.98 -9.77
CA ILE G 25 13.08 -26.82 -10.66
C ILE G 25 14.50 -26.34 -10.93
N GLY G 26 14.79 -25.98 -12.17
CA GLY G 26 16.11 -25.51 -12.53
C GLY G 26 16.16 -24.01 -12.76
N ASP G 27 16.04 -23.60 -14.02
CA ASP G 27 16.10 -22.18 -14.39
C ASP G 27 14.82 -21.42 -14.06
N PHE G 28 14.94 -20.11 -13.88
CA PHE G 28 13.78 -19.27 -13.57
C PHE G 28 14.01 -17.87 -14.12
N GLN G 29 13.09 -17.39 -14.93
CA GLN G 29 13.19 -16.05 -15.50
C GLN G 29 11.79 -15.48 -15.68
N VAL G 30 11.64 -14.20 -15.41
CA VAL G 30 10.33 -13.57 -15.53
C VAL G 30 10.36 -12.32 -16.39
N VAL G 31 9.34 -12.17 -17.23
CA VAL G 31 9.19 -10.99 -18.04
C VAL G 31 8.12 -10.21 -17.30
N TYR G 32 8.51 -9.10 -16.68
CA TYR G 32 7.59 -8.29 -15.92
C TYR G 32 6.96 -7.19 -16.76
N ASP G 33 6.01 -6.49 -16.14
CA ASP G 33 5.44 -5.34 -16.81
C ASP G 33 6.02 -4.19 -16.01
N LEU G 34 6.44 -3.14 -16.68
CA LEU G 34 6.95 -1.96 -16.01
C LEU G 34 6.17 -0.78 -16.59
N ASN G 35 5.12 -0.39 -15.90
CA ASN G 35 4.29 0.73 -16.33
C ASN G 35 3.83 0.61 -17.79
N GLY G 36 3.39 -0.59 -18.16
CA GLY G 36 2.90 -0.81 -19.51
C GLY G 36 3.90 -1.31 -20.55
N SER G 37 5.17 -1.40 -20.17
CA SER G 37 6.19 -1.87 -21.09
C SER G 37 6.80 -3.15 -20.54
N PRO G 38 7.00 -4.16 -21.40
CA PRO G 38 7.58 -5.42 -20.93
C PRO G 38 9.00 -5.16 -20.44
N TYR G 39 9.38 -5.80 -19.35
CA TYR G 39 10.72 -5.66 -18.83
C TYR G 39 11.26 -7.06 -18.60
N VAL G 40 12.28 -7.43 -19.37
CA VAL G 40 12.86 -8.76 -19.26
C VAL G 40 13.79 -8.91 -18.07
N GLY G 41 13.38 -9.74 -17.12
CA GLY G 41 14.20 -9.95 -15.95
C GLY G 41 15.41 -10.79 -16.29
N GLN G 42 16.43 -10.73 -15.44
CA GLN G 42 17.64 -11.50 -15.66
C GLN G 42 17.31 -13.00 -15.61
N ASN G 43 17.93 -13.77 -16.49
CA ASN G 43 17.69 -15.21 -16.51
C ASN G 43 18.55 -15.84 -15.42
N HIS G 44 17.88 -16.45 -14.44
CA HIS G 44 18.56 -17.09 -13.32
C HIS G 44 18.68 -18.58 -13.66
N VAL G 45 19.86 -18.99 -14.11
CA VAL G 45 20.07 -20.36 -14.52
C VAL G 45 20.79 -21.27 -13.53
N SER G 46 20.46 -22.56 -13.62
CA SER G 46 21.06 -23.60 -12.80
C SER G 46 22.52 -23.77 -13.18
N PHE G 47 23.32 -24.35 -12.28
CA PHE G 47 24.74 -24.59 -12.56
C PHE G 47 24.88 -25.76 -13.52
N ILE G 48 23.81 -26.54 -13.68
CA ILE G 48 23.84 -27.70 -14.58
C ILE G 48 22.77 -27.63 -15.66
N THR G 49 22.76 -28.63 -16.54
CA THR G 49 21.78 -28.67 -17.62
C THR G 49 20.97 -29.97 -17.58
N GLY G 50 20.15 -30.18 -18.61
CA GLY G 50 19.33 -31.38 -18.67
C GLY G 50 17.90 -31.14 -18.24
N PHE G 51 17.49 -29.88 -18.18
CA PHE G 51 16.14 -29.51 -17.78
C PHE G 51 15.20 -29.35 -18.96
N THR G 52 13.91 -29.47 -18.69
CA THR G 52 12.88 -29.30 -19.71
C THR G 52 12.33 -27.89 -19.56
N PRO G 53 12.43 -27.06 -20.61
CA PRO G 53 11.95 -25.68 -20.59
C PRO G 53 10.44 -25.53 -20.71
N VAL G 54 9.90 -24.55 -19.97
CA VAL G 54 8.47 -24.27 -19.98
C VAL G 54 8.26 -22.76 -20.09
N LYS G 55 7.37 -22.34 -20.98
CA LYS G 55 7.07 -20.92 -21.14
C LYS G 55 5.61 -20.68 -20.81
N ILE G 56 5.36 -19.86 -19.79
CA ILE G 56 4.01 -19.53 -19.39
C ILE G 56 3.73 -18.09 -19.84
N SER G 57 3.00 -17.94 -20.94
CA SER G 57 2.67 -16.62 -21.46
C SER G 57 1.29 -16.21 -20.98
N LEU G 58 1.23 -15.20 -20.13
CA LEU G 58 -0.05 -14.74 -19.61
C LEU G 58 -0.68 -13.69 -20.51
N ASP G 59 -2.00 -13.67 -20.53
CA ASP G 59 -2.73 -12.69 -21.33
C ASP G 59 -2.87 -11.42 -20.48
N PHE G 60 -1.72 -10.77 -20.26
CA PHE G 60 -1.64 -9.54 -19.47
C PHE G 60 -2.40 -8.43 -20.20
N PRO G 61 -3.16 -7.60 -19.46
CA PRO G 61 -3.36 -7.61 -18.01
C PRO G 61 -4.65 -8.28 -17.52
N SER G 62 -5.42 -8.88 -18.43
CA SER G 62 -6.66 -9.53 -18.03
C SER G 62 -6.44 -10.82 -17.24
N GLU G 63 -5.31 -11.48 -17.48
CA GLU G 63 -4.98 -12.72 -16.78
C GLU G 63 -3.86 -12.47 -15.79
N TYR G 64 -4.02 -12.94 -14.56
CA TYR G 64 -3.01 -12.79 -13.52
C TYR G 64 -3.05 -13.97 -12.56
N ILE G 65 -1.91 -14.21 -11.91
CA ILE G 65 -1.77 -15.32 -10.98
C ILE G 65 -2.58 -15.11 -9.70
N MET G 66 -3.37 -16.12 -9.34
CA MET G 66 -4.19 -16.07 -8.14
C MET G 66 -3.67 -17.01 -7.05
N GLU G 67 -2.86 -17.98 -7.46
CA GLU G 67 -2.29 -18.90 -6.48
C GLU G 67 -1.03 -19.56 -6.98
N VAL G 68 -0.05 -19.67 -6.09
CA VAL G 68 1.22 -20.32 -6.41
C VAL G 68 1.34 -21.43 -5.38
N SER G 69 1.58 -22.65 -5.86
CA SER G 69 1.74 -23.76 -4.94
C SER G 69 2.91 -24.61 -5.40
N GLY G 70 3.39 -25.48 -4.53
CA GLY G 70 4.51 -26.33 -4.90
C GLY G 70 4.92 -27.26 -3.79
N TYR G 71 6.07 -27.88 -3.98
CA TYR G 71 6.62 -28.82 -3.01
C TYR G 71 8.09 -28.54 -2.79
N THR G 72 8.54 -28.69 -1.56
CA THR G 72 9.96 -28.53 -1.23
C THR G 72 10.38 -29.90 -0.74
N GLY G 73 11.60 -30.29 -1.06
CA GLY G 73 12.06 -31.60 -0.63
C GLY G 73 13.56 -31.73 -0.77
N ASN G 74 14.07 -32.88 -0.33
CA ASN G 74 15.49 -33.16 -0.38
C ASN G 74 15.89 -33.82 -1.69
N VAL G 75 16.91 -33.26 -2.34
CA VAL G 75 17.43 -33.80 -3.59
C VAL G 75 18.95 -33.79 -3.47
N SER G 76 19.54 -34.98 -3.40
CA SER G 76 20.99 -35.11 -3.28
C SER G 76 21.51 -34.39 -2.02
N GLY G 77 20.74 -34.45 -0.94
CA GLY G 77 21.15 -33.81 0.30
C GLY G 77 20.85 -32.33 0.40
N TYR G 78 20.16 -31.79 -0.60
CA TYR G 78 19.82 -30.37 -0.60
C TYR G 78 18.31 -30.17 -0.56
N VAL G 79 17.87 -29.23 0.27
CA VAL G 79 16.44 -28.92 0.35
C VAL G 79 16.20 -27.90 -0.76
N VAL G 80 15.33 -28.25 -1.70
CA VAL G 80 15.04 -27.37 -2.83
C VAL G 80 13.55 -27.37 -3.18
N VAL G 81 13.18 -26.52 -4.13
CA VAL G 81 11.79 -26.44 -4.59
C VAL G 81 11.71 -27.48 -5.71
N ARG G 82 10.99 -28.56 -5.45
CA ARG G 82 10.88 -29.64 -6.42
C ARG G 82 9.78 -29.49 -7.45
N SER G 83 8.77 -28.69 -7.14
CA SER G 83 7.65 -28.52 -8.06
C SER G 83 6.97 -27.16 -7.89
N LEU G 84 6.36 -26.67 -8.96
CA LEU G 84 5.65 -25.41 -8.92
C LEU G 84 4.39 -25.49 -9.78
N THR G 85 3.34 -24.83 -9.33
CA THR G 85 2.08 -24.77 -10.05
C THR G 85 1.60 -23.32 -9.99
N PHE G 86 1.18 -22.79 -11.12
CA PHE G 86 0.67 -21.43 -11.18
C PHE G 86 -0.77 -21.45 -11.64
N LYS G 87 -1.65 -20.94 -10.80
CA LYS G 87 -3.06 -20.88 -11.14
C LYS G 87 -3.45 -19.43 -11.37
N THR G 88 -4.03 -19.15 -12.53
CA THR G 88 -4.47 -17.80 -12.84
C THR G 88 -5.99 -17.78 -12.83
N ASN G 89 -6.58 -16.64 -13.13
CA ASN G 89 -8.02 -16.53 -13.16
C ASN G 89 -8.56 -17.20 -14.43
N LYS G 90 -7.65 -17.63 -15.29
CA LYS G 90 -8.06 -18.26 -16.54
C LYS G 90 -7.69 -19.74 -16.68
N LYS G 91 -6.54 -20.14 -16.15
CA LYS G 91 -6.10 -21.53 -16.26
C LYS G 91 -5.11 -21.91 -15.17
N THR G 92 -4.76 -23.19 -15.14
CA THR G 92 -3.78 -23.69 -14.19
C THR G 92 -2.58 -24.19 -14.99
N TYR G 93 -1.41 -23.70 -14.64
CA TYR G 93 -0.19 -24.12 -15.32
C TYR G 93 0.62 -24.97 -14.36
N GLY G 94 0.81 -26.24 -14.74
CA GLY G 94 1.55 -27.16 -13.90
C GLY G 94 0.65 -28.29 -13.42
N PRO G 95 1.11 -29.10 -12.46
CA PRO G 95 2.42 -28.98 -11.81
C PRO G 95 3.61 -29.30 -12.71
N TYR G 96 4.71 -28.59 -12.47
CA TYR G 96 5.95 -28.80 -13.21
C TYR G 96 6.94 -29.34 -12.18
N GLY G 97 7.48 -30.52 -12.45
CA GLY G 97 8.42 -31.10 -11.52
C GLY G 97 7.85 -32.34 -10.84
N VAL G 98 8.31 -32.60 -9.62
CA VAL G 98 7.88 -33.76 -8.85
C VAL G 98 7.11 -33.30 -7.62
N THR G 99 5.88 -33.78 -7.44
CA THR G 99 5.10 -33.38 -6.29
C THR G 99 5.30 -34.30 -5.10
N SER G 100 6.53 -34.34 -4.61
CA SER G 100 6.91 -35.14 -3.46
C SER G 100 7.60 -34.24 -2.46
N GLY G 101 7.33 -34.46 -1.18
CA GLY G 101 7.96 -33.63 -0.16
C GLY G 101 6.90 -32.90 0.65
N THR G 102 7.25 -31.69 1.09
CA THR G 102 6.34 -30.86 1.88
C THR G 102 5.69 -29.82 0.99
N PRO G 103 4.35 -29.81 0.93
CA PRO G 103 3.65 -28.84 0.09
C PRO G 103 3.55 -27.46 0.71
N PHE G 104 3.34 -26.46 -0.13
CA PHE G 104 3.15 -25.09 0.31
C PHE G 104 2.25 -24.46 -0.74
N ASN G 105 1.49 -23.44 -0.37
CA ASN G 105 0.63 -22.78 -1.33
C ASN G 105 0.30 -21.38 -0.86
N LEU G 106 0.26 -20.47 -1.81
CA LEU G 106 -0.04 -19.08 -1.53
C LEU G 106 -1.19 -18.61 -2.39
N PRO G 107 -2.41 -18.65 -1.85
CA PRO G 107 -3.59 -18.20 -2.59
C PRO G 107 -3.70 -16.72 -2.31
N ILE G 108 -4.13 -15.93 -3.29
CA ILE G 108 -4.29 -14.50 -3.08
C ILE G 108 -5.73 -14.09 -3.33
N GLU G 109 -6.38 -13.49 -2.32
CA GLU G 109 -7.76 -13.04 -2.46
C GLU G 109 -7.81 -11.66 -3.08
N ASN G 110 -6.87 -10.81 -2.65
CA ASN G 110 -6.81 -9.44 -3.15
C ASN G 110 -5.35 -9.02 -3.21
N GLY G 111 -4.91 -8.57 -4.38
CA GLY G 111 -3.54 -8.17 -4.52
C GLY G 111 -2.88 -8.88 -5.69
N LEU G 112 -1.62 -8.58 -5.92
CA LEU G 112 -0.88 -9.16 -7.05
C LEU G 112 0.54 -9.50 -6.69
N ILE G 113 1.08 -10.50 -7.38
CA ILE G 113 2.47 -10.89 -7.22
C ILE G 113 3.17 -9.92 -8.17
N VAL G 114 4.16 -9.17 -7.70
CA VAL G 114 4.84 -8.22 -8.57
C VAL G 114 6.35 -8.36 -8.62
N GLY G 115 6.87 -9.45 -8.07
CA GLY G 115 8.31 -9.66 -8.09
C GLY G 115 8.72 -10.93 -7.39
N PHE G 116 9.93 -11.40 -7.72
CA PHE G 116 10.49 -12.61 -7.16
C PHE G 116 11.94 -12.41 -6.72
N LYS G 117 12.35 -13.17 -5.72
CA LYS G 117 13.72 -13.15 -5.24
C LYS G 117 13.96 -14.58 -4.76
N GLY G 118 15.21 -15.01 -4.74
CA GLY G 118 15.49 -16.37 -4.31
C GLY G 118 16.94 -16.76 -4.50
N SER G 119 17.16 -18.04 -4.74
CA SER G 119 18.50 -18.55 -4.93
C SER G 119 18.45 -19.81 -5.77
N ILE G 120 19.41 -19.95 -6.68
CA ILE G 120 19.48 -21.12 -7.54
C ILE G 120 20.91 -21.63 -7.63
N GLY G 121 21.08 -22.92 -7.35
CA GLY G 121 22.39 -23.57 -7.46
C GLY G 121 22.16 -24.59 -8.55
N TYR G 122 22.16 -25.87 -8.20
CA TYR G 122 21.87 -26.90 -9.18
C TYR G 122 20.37 -26.76 -9.45
N TRP G 123 19.64 -26.43 -8.39
CA TRP G 123 18.18 -26.27 -8.47
C TRP G 123 17.76 -25.02 -7.70
N LEU G 124 16.48 -24.68 -7.80
CA LEU G 124 15.91 -23.54 -7.09
C LEU G 124 15.93 -23.87 -5.60
N ASP G 125 16.80 -23.19 -4.84
CA ASP G 125 16.94 -23.44 -3.41
C ASP G 125 15.76 -22.93 -2.60
N TYR G 126 15.35 -21.70 -2.87
CA TYR G 126 14.22 -21.10 -2.17
C TYR G 126 13.80 -19.86 -2.94
N PHE G 127 12.62 -19.34 -2.65
CA PHE G 127 12.16 -18.13 -3.31
C PHE G 127 11.13 -17.43 -2.45
N SER G 128 10.99 -16.13 -2.69
CA SER G 128 10.04 -15.29 -1.98
C SER G 128 9.33 -14.45 -3.04
N MET G 129 8.18 -13.89 -2.68
CA MET G 129 7.42 -13.09 -3.63
C MET G 129 7.03 -11.73 -3.08
N TYR G 130 7.08 -10.73 -3.95
CA TYR G 130 6.69 -9.36 -3.59
C TYR G 130 5.20 -9.27 -3.91
N LEU G 131 4.42 -8.71 -2.97
CA LEU G 131 2.99 -8.56 -3.16
C LEU G 131 2.60 -7.10 -3.08
N SER G 132 1.62 -6.70 -3.88
CA SER G 132 1.16 -5.33 -3.88
C SER G 132 -0.24 -5.22 -4.43
N LEU G 133 -0.87 -4.08 -4.18
CA LEU G 133 -2.20 -3.82 -4.73
C LEU G 133 -1.89 -3.19 -6.09
N GLN H 3 11.90 8.02 5.68
CA GLN H 3 13.02 7.35 6.39
C GLN H 3 14.09 6.96 5.38
N SER H 4 13.74 6.04 4.49
CA SER H 4 14.64 5.60 3.44
C SER H 4 14.04 6.19 2.17
N GLY H 5 14.89 6.52 1.21
CA GLY H 5 14.38 7.07 -0.03
C GLY H 5 13.97 5.94 -0.94
N ILE H 6 13.89 4.73 -0.37
CA ILE H 6 13.54 3.54 -1.14
C ILE H 6 12.14 3.02 -0.81
N SER H 7 11.31 2.90 -1.84
CA SER H 7 9.94 2.41 -1.69
C SER H 7 9.97 0.95 -1.22
N GLN H 8 9.02 0.58 -0.36
CA GLN H 8 8.96 -0.79 0.13
C GLN H 8 7.70 -1.51 -0.31
N THR H 9 7.74 -2.83 -0.24
CA THR H 9 6.64 -3.67 -0.66
C THR H 9 6.52 -4.85 0.30
N VAL H 10 5.32 -5.42 0.41
CA VAL H 10 5.13 -6.59 1.26
C VAL H 10 5.90 -7.73 0.59
N ILE H 11 6.58 -8.56 1.38
CA ILE H 11 7.31 -9.69 0.81
C ILE H 11 6.97 -10.92 1.65
N VAL H 12 6.54 -12.00 0.98
CA VAL H 12 6.20 -13.22 1.70
C VAL H 12 7.17 -14.31 1.27
N GLY H 13 7.50 -15.18 2.22
CA GLY H 13 8.44 -16.25 1.95
C GLY H 13 9.58 -16.14 2.95
N PRO H 14 10.66 -16.90 2.77
CA PRO H 14 10.82 -17.81 1.64
C PRO H 14 10.31 -19.22 1.88
N TRP H 15 10.19 -19.98 0.79
CA TRP H 15 9.78 -21.37 0.83
C TRP H 15 10.95 -22.11 0.20
N GLY H 16 11.39 -23.20 0.83
CA GLY H 16 12.52 -23.95 0.33
C GLY H 16 13.56 -24.08 1.42
N ALA H 17 14.84 -24.06 1.05
CA ALA H 17 15.92 -24.17 2.02
C ALA H 17 15.93 -23.00 2.99
N LYS H 18 16.22 -23.30 4.26
CA LYS H 18 16.27 -22.28 5.29
C LYS H 18 17.48 -21.37 5.08
C1 GAL I . -4.21 29.54 21.28
C2 GAL I . -2.98 28.62 21.55
C3 GAL I . -1.93 28.74 20.44
C4 GAL I . -2.60 28.51 19.06
C5 GAL I . -3.75 29.50 18.94
C6 GAL I . -4.44 29.46 17.59
O1 GAL I . -5.23 29.28 22.18
O2 GAL I . -2.40 28.98 22.80
O3 GAL I . -0.95 27.74 20.67
O4 GAL I . -3.12 27.18 18.99
O5 GAL I . -4.72 29.28 19.97
O6 GAL I . -5.31 28.34 17.50
C1 GAL J . 0.75 25.21 -26.68
C2 GAL J . -0.19 24.02 -26.86
C3 GAL J . -1.33 24.11 -25.85
C4 GAL J . -0.80 24.26 -24.44
C5 GAL J . 0.12 25.48 -24.38
C6 GAL J . 0.74 25.70 -23.01
O1 GAL J . 1.87 24.98 -27.46
O2 GAL J . -0.74 24.07 -28.17
O3 GAL J . -2.15 22.98 -25.92
O4 GAL J . -0.07 23.08 -24.09
O5 GAL J . 1.19 25.31 -25.31
O6 GAL J . 1.95 24.97 -22.81
C1 GAL K . -20.98 -27.86 10.18
C2 GAL K . -21.46 -26.94 9.04
C3 GAL K . -20.62 -27.17 7.78
C4 GAL K . -19.14 -27.02 8.11
C5 GAL K . -18.79 -27.97 9.23
C6 GAL K . -17.32 -27.95 9.62
O1 GAL K . -21.62 -27.50 11.36
O2 GAL K . -22.82 -27.22 8.74
O3 GAL K . -20.97 -26.21 6.79
O4 GAL K . -18.89 -25.68 8.52
O5 GAL K . -19.57 -27.67 10.40
O6 GAL K . -16.99 -26.78 10.37
C1 GAL L . 24.64 -26.70 -5.33
C2 GAL L . 25.09 -25.58 -4.39
C3 GAL L . 24.38 -25.73 -3.03
C4 GAL L . 22.87 -25.79 -3.23
C5 GAL L . 22.53 -26.91 -4.21
C6 GAL L . 21.04 -27.00 -4.52
O1 GAL L . 25.19 -26.51 -6.59
O2 GAL L . 26.50 -25.64 -4.21
O3 GAL L . 24.72 -24.61 -2.20
O4 GAL L . 22.42 -24.54 -3.75
O5 GAL L . 23.20 -26.69 -5.47
O6 GAL L . 20.68 -26.15 -5.58
#